data_7TZM
#
_entry.id   7TZM
#
_cell.length_a   44.231
_cell.length_b   51.313
_cell.length_c   78.892
_cell.angle_alpha   90.000
_cell.angle_beta   91.930
_cell.angle_gamma   90.000
#
_symmetry.space_group_name_H-M   'P 1 21 1'
#
loop_
_entity.id
_entity.type
_entity.pdbx_description
1 polymer 'Cytochrome P450'
2 non-polymer '4-iodobenzoic acid'
3 non-polymer 'PROTOPORPHYRIN IX CONTAINING FE'
4 non-polymer 'CHLORIDE ION'
5 water water
#
_entity_poly.entity_id   1
_entity_poly.type   'polypeptide(L)'
_entity_poly.pdbx_seq_one_letter_code
;MISNSSAESISAPPNDSTIPHLAIDPFSLDFFDDPYPDQQTLRDAGPVVYLDKWNVYGVARYAEVHAVLNDPTTFCSSRG
VGLSDFKKEKPWRPPSLILEADPPAHTRPRAVLSKVLSPATMKTIRDGFAAAADAKVDELLQRGCIDAIADLAEAYPLSV
FPDAMGLKQEGREHLLPYAGLVFNAFGPPNELRQTAIERSAPHQAYVNEQCQRPNLAPGGFGACIHAFTDTGEITPDEAP
LLVRSLLSAGLDTTVNGIGAAVYCLARFPGELQRLRSDPTLARNAFEEAVRFESPVQTFFRTTTREVELGGAVIGEGEKV
LMFLGSANRDPRRWSDPDLYDITRKTSGHVGFGSGVHMCVGQLVARLEGEVMLSALARKVAAIDIDGPVKRRFNNTLRGL
ESLPVKLTPA
;
_entity_poly.pdbx_strand_id   A
#
loop_
_chem_comp.id
_chem_comp.type
_chem_comp.name
_chem_comp.formula
CL non-polymer 'CHLORIDE ION' 'Cl -1'
HEM non-polymer 'PROTOPORPHYRIN IX CONTAINING FE' 'C34 H32 Fe N4 O4'
KZ6 non-polymer '4-iodobenzoic acid' 'C7 H5 I O2'
#
# COMPACT_ATOMS: atom_id res chain seq x y z
N THR A 18 23.93 -22.14 -8.97
CA THR A 18 22.67 -22.21 -9.74
C THR A 18 21.76 -21.00 -9.55
N ILE A 19 21.75 -20.44 -8.36
CA ILE A 19 21.01 -19.21 -8.07
C ILE A 19 22.00 -18.06 -8.18
N PRO A 20 21.71 -17.02 -8.94
CA PRO A 20 22.64 -15.90 -9.06
C PRO A 20 22.64 -15.06 -7.80
N HIS A 21 23.81 -14.57 -7.44
CA HIS A 21 23.99 -13.72 -6.27
C HIS A 21 24.19 -12.30 -6.76
N LEU A 22 23.42 -11.37 -6.23
CA LEU A 22 23.52 -9.98 -6.58
C LEU A 22 23.77 -9.14 -5.39
N ALA A 23 24.46 -8.06 -5.58
CA ALA A 23 24.79 -7.10 -4.55
C ALA A 23 23.84 -5.92 -4.47
N ILE A 24 22.79 -5.88 -5.33
CA ILE A 24 21.85 -4.77 -5.31
C ILE A 24 21.20 -4.69 -3.94
N ASP A 25 21.16 -3.47 -3.35
CA ASP A 25 20.44 -3.28 -2.10
C ASP A 25 19.07 -2.68 -2.46
N PRO A 26 17.98 -3.44 -2.43
CA PRO A 26 16.68 -2.85 -2.79
C PRO A 26 16.10 -1.94 -1.73
N PHE A 27 16.82 -1.69 -0.61
CA PHE A 27 16.39 -0.74 0.40
C PHE A 27 17.31 0.47 0.47
N SER A 28 18.16 0.69 -0.56
CA SER A 28 19.06 1.82 -0.56
C SER A 28 18.39 3.04 -1.19
N LEU A 29 18.83 4.24 -0.82
CA LEU A 29 18.22 5.42 -1.38
C LEU A 29 18.44 5.49 -2.89
N ASP A 30 19.59 5.04 -3.39
N ASP A 30 19.61 5.04 -3.37
CA ASP A 30 19.81 5.04 -4.84
CA ASP A 30 19.88 4.98 -4.80
C ASP A 30 18.79 4.15 -5.54
C ASP A 30 18.83 4.14 -5.53
N PHE A 31 18.42 3.02 -4.93
CA PHE A 31 17.42 2.17 -5.55
C PHE A 31 16.06 2.84 -5.46
N PHE A 32 15.69 3.36 -4.28
CA PHE A 32 14.39 4.04 -4.23
C PHE A 32 14.33 5.16 -5.28
N ASP A 33 15.43 5.89 -5.49
CA ASP A 33 15.45 7.04 -6.39
C ASP A 33 15.08 6.64 -7.82
N ASP A 34 15.42 5.45 -8.23
CA ASP A 34 15.09 5.02 -9.57
C ASP A 34 15.21 3.52 -9.60
N PRO A 35 14.15 2.81 -9.26
CA PRO A 35 14.29 1.37 -9.13
C PRO A 35 14.24 0.59 -10.41
N TYR A 36 13.93 1.20 -11.60
CA TYR A 36 13.55 0.34 -12.69
C TYR A 36 14.72 -0.40 -13.33
N PRO A 37 15.89 0.20 -13.54
CA PRO A 37 17.01 -0.59 -14.07
C PRO A 37 17.34 -1.75 -13.14
N ASP A 38 17.43 -1.51 -11.82
CA ASP A 38 17.78 -2.62 -10.94
C ASP A 38 16.70 -3.71 -10.93
N GLN A 39 15.41 -3.32 -11.09
CA GLN A 39 14.37 -4.36 -11.21
C GLN A 39 14.52 -5.21 -12.43
N GLN A 40 14.84 -4.61 -13.59
CA GLN A 40 15.10 -5.45 -14.76
C GLN A 40 16.28 -6.38 -14.51
N THR A 41 17.35 -5.85 -13.93
CA THR A 41 18.51 -6.69 -13.60
C THR A 41 18.10 -7.87 -12.73
N LEU A 42 17.20 -7.61 -11.76
CA LEU A 42 16.75 -8.66 -10.85
C LEU A 42 15.89 -9.68 -11.60
N ARG A 43 15.01 -9.22 -12.51
CA ARG A 43 14.18 -10.17 -13.26
C ARG A 43 15.04 -11.00 -14.20
N ASP A 44 15.96 -10.33 -14.93
CA ASP A 44 16.66 -11.02 -15.99
C ASP A 44 17.77 -11.89 -15.44
N ALA A 45 18.18 -11.69 -14.18
CA ALA A 45 19.19 -12.58 -13.61
C ALA A 45 18.69 -14.00 -13.43
N GLY A 46 17.38 -14.20 -13.19
CA GLY A 46 16.78 -15.51 -13.11
C GLY A 46 15.46 -15.44 -12.36
N PRO A 47 14.70 -16.53 -12.34
CA PRO A 47 13.45 -16.50 -11.60
C PRO A 47 13.67 -16.39 -10.08
N VAL A 48 14.80 -16.86 -9.54
CA VAL A 48 15.10 -16.72 -8.11
C VAL A 48 16.54 -16.22 -7.96
N VAL A 49 16.71 -15.08 -7.31
CA VAL A 49 18.03 -14.53 -7.02
C VAL A 49 18.31 -14.64 -5.52
N TYR A 50 19.59 -14.54 -5.15
CA TYR A 50 19.99 -14.38 -3.75
C TYR A 50 20.60 -12.99 -3.60
N LEU A 51 20.10 -12.23 -2.63
N LEU A 51 20.12 -12.25 -2.61
CA LEU A 51 20.56 -10.85 -2.36
CA LEU A 51 20.57 -10.87 -2.35
C LEU A 51 21.56 -10.89 -1.21
C LEU A 51 21.57 -10.92 -1.20
N ASP A 52 22.85 -10.78 -1.55
CA ASP A 52 23.92 -10.95 -0.55
C ASP A 52 23.91 -9.86 0.51
N LYS A 53 23.36 -8.69 0.17
CA LYS A 53 23.40 -7.56 1.10
C LYS A 53 22.64 -7.91 2.39
N TRP A 54 21.56 -8.68 2.27
CA TRP A 54 20.65 -8.94 3.39
C TRP A 54 20.44 -10.42 3.63
N ASN A 55 21.11 -11.30 2.89
CA ASN A 55 20.95 -12.74 3.01
C ASN A 55 19.50 -13.18 2.89
N VAL A 56 18.84 -12.78 1.79
CA VAL A 56 17.49 -13.22 1.50
C VAL A 56 17.38 -13.59 0.05
N TYR A 57 16.44 -14.46 -0.25
CA TYR A 57 16.12 -14.78 -1.63
C TYR A 57 15.23 -13.68 -2.19
N GLY A 58 15.31 -13.44 -3.51
CA GLY A 58 14.39 -12.53 -4.17
C GLY A 58 13.70 -13.13 -5.35
N VAL A 59 12.41 -12.71 -5.55
CA VAL A 59 11.69 -13.01 -6.79
C VAL A 59 11.15 -11.72 -7.33
N ALA A 60 11.48 -11.41 -8.61
CA ALA A 60 11.09 -10.14 -9.21
C ALA A 60 10.22 -10.30 -10.45
N ARG A 61 10.06 -11.51 -10.97
CA ARG A 61 9.15 -11.72 -12.08
C ARG A 61 7.72 -11.94 -11.59
N TYR A 62 6.76 -11.62 -12.46
CA TYR A 62 5.37 -11.84 -12.16
C TYR A 62 5.09 -13.27 -11.77
N ALA A 63 5.57 -14.23 -12.57
CA ALA A 63 5.17 -15.62 -12.33
C ALA A 63 5.56 -16.09 -10.92
N GLU A 64 6.79 -15.80 -10.50
CA GLU A 64 7.20 -16.29 -9.17
C GLU A 64 6.59 -15.48 -8.03
N VAL A 65 6.46 -14.16 -8.19
CA VAL A 65 5.75 -13.37 -7.18
C VAL A 65 4.33 -13.92 -6.99
N HIS A 66 3.64 -14.17 -8.07
CA HIS A 66 2.28 -14.70 -7.96
C HIS A 66 2.27 -16.10 -7.35
N ALA A 67 3.21 -16.95 -7.74
CA ALA A 67 3.27 -18.29 -7.15
C ALA A 67 3.50 -18.21 -5.63
N VAL A 68 4.42 -17.33 -5.19
CA VAL A 68 4.74 -17.25 -3.76
C VAL A 68 3.53 -16.74 -3.01
N LEU A 69 2.90 -15.68 -3.52
CA LEU A 69 1.73 -15.12 -2.83
C LEU A 69 0.66 -16.16 -2.66
N ASN A 70 0.55 -17.09 -3.61
CA ASN A 70 -0.56 -18.04 -3.60
C ASN A 70 -0.20 -19.40 -3.04
N ASP A 71 0.93 -19.51 -2.35
CA ASP A 71 1.25 -20.70 -1.57
C ASP A 71 1.56 -20.24 -0.15
N PRO A 72 0.53 -19.92 0.64
CA PRO A 72 0.80 -19.44 2.01
C PRO A 72 1.30 -20.52 2.94
N THR A 73 1.07 -21.78 2.60
CA THR A 73 1.56 -22.82 3.49
C THR A 73 3.07 -22.92 3.44
N THR A 74 3.62 -22.87 2.25
CA THR A 74 5.07 -22.98 2.08
C THR A 74 5.72 -21.64 2.38
N PHE A 75 5.11 -20.54 1.97
CA PHE A 75 5.69 -19.19 2.12
C PHE A 75 4.82 -18.44 3.11
N CYS A 76 5.15 -18.54 4.39
CA CYS A 76 4.21 -18.16 5.43
C CYS A 76 4.41 -16.71 5.79
N SER A 77 3.40 -16.15 6.45
CA SER A 77 3.42 -14.77 6.95
C SER A 77 3.61 -14.66 8.48
N SER A 78 3.39 -15.73 9.24
CA SER A 78 3.47 -15.63 10.69
C SER A 78 4.89 -15.46 11.22
N ARG A 79 5.92 -15.63 10.39
CA ARG A 79 7.27 -15.31 10.81
C ARG A 79 7.66 -13.90 10.40
N GLY A 80 6.67 -13.09 9.98
CA GLY A 80 6.93 -11.69 9.73
C GLY A 80 6.95 -11.50 8.22
N VAL A 81 6.39 -10.40 7.72
CA VAL A 81 6.41 -10.05 6.30
C VAL A 81 7.40 -8.92 6.03
N GLY A 82 8.23 -8.62 7.05
CA GLY A 82 9.42 -7.81 6.88
C GLY A 82 10.68 -8.68 6.89
N LEU A 83 11.84 -8.03 6.92
CA LEU A 83 13.09 -8.81 6.87
C LEU A 83 13.24 -9.66 8.13
N SER A 84 12.86 -9.11 9.26
N SER A 84 12.85 -9.11 9.28
CA SER A 84 13.02 -9.82 10.52
CA SER A 84 12.95 -9.82 10.55
C SER A 84 12.18 -11.10 10.57
C SER A 84 12.18 -11.13 10.54
N ASP A 85 12.78 -12.17 11.12
CA ASP A 85 12.14 -13.47 11.26
C ASP A 85 11.69 -13.56 12.72
N PHE A 86 10.35 -13.58 12.94
CA PHE A 86 9.81 -13.58 14.31
C PHE A 86 10.23 -14.82 15.10
N LYS A 87 10.68 -15.87 14.42
CA LYS A 87 11.23 -17.00 15.16
C LYS A 87 12.64 -16.77 15.68
N LYS A 88 13.30 -15.71 15.25
CA LYS A 88 14.68 -15.37 15.63
C LYS A 88 14.77 -14.07 16.44
N GLU A 89 13.92 -13.09 16.18
CA GLU A 89 13.98 -11.79 16.81
C GLU A 89 12.60 -11.42 17.31
N LYS A 90 12.57 -10.56 18.31
CA LYS A 90 11.29 -10.09 18.82
C LYS A 90 10.71 -9.06 17.85
N PRO A 91 9.42 -9.14 17.49
CA PRO A 91 8.84 -8.07 16.66
C PRO A 91 8.83 -6.74 17.40
N TRP A 92 8.95 -5.66 16.64
CA TRP A 92 9.02 -4.32 17.25
C TRP A 92 7.69 -3.93 17.89
N ARG A 93 6.60 -4.60 17.54
CA ARG A 93 5.28 -4.43 18.12
C ARG A 93 4.63 -5.80 18.05
N PRO A 94 3.62 -6.05 18.89
CA PRO A 94 2.94 -7.34 18.82
C PRO A 94 2.51 -7.63 17.40
N PRO A 95 2.60 -8.88 16.96
CA PRO A 95 2.27 -9.21 15.58
C PRO A 95 0.84 -8.83 15.25
N SER A 96 0.68 -8.36 14.02
CA SER A 96 -0.64 -8.16 13.46
C SER A 96 -1.39 -9.48 13.40
N LEU A 97 -2.67 -9.46 13.81
CA LEU A 97 -3.49 -10.66 13.84
C LEU A 97 -3.98 -11.07 12.45
N ILE A 98 -3.74 -10.27 11.43
CA ILE A 98 -4.18 -10.61 10.08
C ILE A 98 -2.97 -10.62 9.12
N LEU A 99 -2.21 -9.53 9.04
CA LEU A 99 -1.07 -9.52 8.11
C LEU A 99 -0.02 -10.54 8.50
N GLU A 100 0.22 -10.73 9.82
CA GLU A 100 1.34 -11.55 10.29
C GLU A 100 0.82 -12.84 10.93
N ALA A 101 -0.17 -13.43 10.28
CA ALA A 101 -0.79 -14.68 10.69
C ALA A 101 -1.03 -15.54 9.47
N ASP A 102 -1.02 -16.83 9.67
CA ASP A 102 -1.33 -17.82 8.64
C ASP A 102 -2.66 -18.49 8.90
N PRO A 103 -3.27 -19.08 7.88
CA PRO A 103 -4.44 -19.95 8.15
C PRO A 103 -3.99 -21.08 9.07
N PRO A 104 -4.82 -21.48 10.04
CA PRO A 104 -6.21 -21.06 10.24
C PRO A 104 -6.37 -19.84 11.16
N ALA A 105 -5.34 -19.43 11.90
CA ALA A 105 -5.51 -18.27 12.79
C ALA A 105 -5.90 -17.01 12.03
N HIS A 106 -5.39 -16.86 10.83
CA HIS A 106 -5.70 -15.76 9.94
C HIS A 106 -7.18 -15.66 9.60
N THR A 107 -7.87 -16.80 9.44
CA THR A 107 -9.13 -16.84 8.71
C THR A 107 -10.25 -16.00 9.32
N ARG A 108 -10.49 -16.13 10.66
CA ARG A 108 -11.67 -15.45 11.17
C ARG A 108 -11.43 -13.94 11.34
N PRO A 109 -10.26 -13.51 11.79
CA PRO A 109 -9.97 -12.06 11.75
C PRO A 109 -10.11 -11.49 10.35
N ARG A 110 -9.66 -12.24 9.33
CA ARG A 110 -9.81 -11.77 7.95
C ARG A 110 -11.29 -11.63 7.58
N ALA A 111 -12.13 -12.58 8.05
CA ALA A 111 -13.55 -12.49 7.72
C ALA A 111 -14.20 -11.28 8.38
N VAL A 112 -13.80 -10.96 9.61
CA VAL A 112 -14.34 -9.77 10.29
C VAL A 112 -13.96 -8.49 9.55
N LEU A 113 -12.69 -8.31 9.23
CA LEU A 113 -12.32 -7.11 8.47
C LEU A 113 -12.99 -7.04 7.10
N SER A 114 -13.16 -8.18 6.45
CA SER A 114 -13.89 -8.24 5.19
C SER A 114 -15.32 -7.71 5.34
N LYS A 115 -16.00 -8.08 6.43
CA LYS A 115 -17.36 -7.58 6.64
C LYS A 115 -17.37 -6.11 7.07
N VAL A 116 -16.40 -5.69 7.85
CA VAL A 116 -16.30 -4.29 8.23
C VAL A 116 -16.06 -3.42 7.00
N LEU A 117 -15.21 -3.88 6.10
CA LEU A 117 -14.82 -3.09 4.92
C LEU A 117 -15.52 -3.61 3.67
N SER A 118 -16.80 -3.89 3.79
CA SER A 118 -17.52 -4.71 2.81
C SER A 118 -18.21 -3.83 1.77
N PRO A 119 -18.75 -4.46 0.75
CA PRO A 119 -19.59 -3.73 -0.22
C PRO A 119 -20.69 -2.95 0.44
N ALA A 120 -21.30 -3.49 1.51
CA ALA A 120 -22.37 -2.74 2.14
C ALA A 120 -21.82 -1.52 2.85
N THR A 121 -20.68 -1.66 3.49
CA THR A 121 -20.11 -0.48 4.13
C THR A 121 -19.83 0.63 3.10
N MET A 122 -19.35 0.25 1.91
CA MET A 122 -18.96 1.26 0.93
C MET A 122 -20.17 2.11 0.54
N LYS A 123 -21.31 1.46 0.45
CA LYS A 123 -22.55 2.18 0.16
C LYS A 123 -22.86 3.23 1.23
N THR A 124 -22.57 2.96 2.50
N THR A 124 -22.56 2.95 2.51
CA THR A 124 -22.85 3.96 3.54
CA THR A 124 -22.84 3.95 3.53
C THR A 124 -21.90 5.16 3.46
C THR A 124 -21.90 5.16 3.45
N ILE A 125 -20.67 4.98 2.95
CA ILE A 125 -19.68 6.06 3.00
C ILE A 125 -19.44 6.74 1.66
N ARG A 126 -19.92 6.18 0.56
CA ARG A 126 -19.57 6.70 -0.77
C ARG A 126 -19.98 8.16 -0.97
N ASP A 127 -21.20 8.54 -0.60
N ASP A 127 -21.22 8.52 -0.61
CA ASP A 127 -21.63 9.90 -0.88
CA ASP A 127 -21.65 9.90 -0.85
C ASP A 127 -20.75 10.93 -0.15
C ASP A 127 -20.71 10.90 -0.17
N GLY A 128 -20.37 10.64 1.09
CA GLY A 128 -19.53 11.58 1.82
C GLY A 128 -18.10 11.61 1.29
N PHE A 129 -17.59 10.45 0.85
CA PHE A 129 -16.25 10.41 0.28
C PHE A 129 -16.21 11.18 -1.02
N ALA A 130 -17.28 11.07 -1.81
CA ALA A 130 -17.31 11.76 -3.09
C ALA A 130 -17.46 13.27 -2.91
N ALA A 131 -18.37 13.70 -2.03
CA ALA A 131 -18.48 15.14 -1.73
C ALA A 131 -17.15 15.74 -1.26
N ALA A 132 -16.43 15.02 -0.35
CA ALA A 132 -15.15 15.55 0.16
C ALA A 132 -14.11 15.66 -0.95
N ALA A 133 -14.11 14.71 -1.88
CA ALA A 133 -13.21 14.78 -3.04
C ALA A 133 -13.53 15.96 -3.97
N ASP A 134 -14.82 16.16 -4.32
CA ASP A 134 -15.20 17.30 -5.15
C ASP A 134 -14.88 18.61 -4.45
N ALA A 135 -15.14 18.67 -3.13
CA ALA A 135 -14.86 19.88 -2.39
C ALA A 135 -13.36 20.18 -2.40
N LYS A 136 -12.54 19.16 -2.21
CA LYS A 136 -11.10 19.40 -2.17
C LYS A 136 -10.62 19.90 -3.52
N VAL A 137 -11.08 19.30 -4.61
CA VAL A 137 -10.64 19.76 -5.93
C VAL A 137 -11.11 21.19 -6.19
N ASP A 138 -12.37 21.52 -5.82
CA ASP A 138 -12.79 22.91 -5.93
C ASP A 138 -11.88 23.83 -5.14
N GLU A 139 -11.52 23.43 -3.91
CA GLU A 139 -10.67 24.29 -3.11
C GLU A 139 -9.32 24.49 -3.77
N LEU A 140 -8.76 23.41 -4.31
CA LEU A 140 -7.45 23.48 -4.93
C LEU A 140 -7.48 24.33 -6.21
N LEU A 141 -8.57 24.26 -6.99
CA LEU A 141 -8.70 25.11 -8.17
C LEU A 141 -8.75 26.59 -7.79
N GLN A 142 -9.16 26.92 -6.57
CA GLN A 142 -9.15 28.32 -6.16
C GLN A 142 -7.74 28.81 -5.88
N ARG A 143 -6.84 27.90 -5.47
CA ARG A 143 -5.44 28.25 -5.24
C ARG A 143 -4.61 28.14 -6.51
N GLY A 144 -4.94 27.20 -7.40
CA GLY A 144 -4.30 27.16 -8.70
C GLY A 144 -3.01 26.38 -8.65
N CYS A 145 -2.00 26.92 -7.98
CA CYS A 145 -0.71 26.25 -7.78
C CYS A 145 -0.68 25.64 -6.38
N ILE A 146 -0.57 24.31 -6.33
CA ILE A 146 -0.67 23.59 -5.08
C ILE A 146 0.45 22.55 -5.04
N ASP A 147 0.58 21.89 -3.89
CA ASP A 147 1.45 20.72 -3.78
C ASP A 147 0.53 19.52 -3.80
N ALA A 148 0.63 18.71 -4.84
CA ALA A 148 -0.30 17.58 -4.98
C ALA A 148 -0.08 16.51 -3.93
N ILE A 149 1.03 16.55 -3.18
CA ILE A 149 1.15 15.62 -2.05
C ILE A 149 0.46 16.24 -0.86
N ALA A 150 1.06 17.25 -0.22
CA ALA A 150 0.47 17.73 1.03
C ALA A 150 -0.99 18.15 0.85
N ASP A 151 -1.28 18.86 -0.25
CA ASP A 151 -2.57 19.52 -0.40
C ASP A 151 -3.62 18.59 -0.97
N LEU A 152 -3.25 17.41 -1.42
CA LEU A 152 -4.22 16.60 -2.15
C LEU A 152 -4.07 15.14 -1.79
N ALA A 153 -2.93 14.52 -2.11
CA ALA A 153 -2.78 13.12 -1.77
C ALA A 153 -2.81 12.87 -0.25
N GLU A 154 -2.28 13.82 0.54
CA GLU A 154 -2.37 13.73 1.99
C GLU A 154 -3.68 14.31 2.50
N ALA A 155 -4.04 15.50 2.02
CA ALA A 155 -5.20 16.19 2.59
C ALA A 155 -6.48 15.42 2.37
N TYR A 156 -6.66 14.81 1.20
CA TYR A 156 -7.98 14.21 0.95
C TYR A 156 -8.19 12.98 1.83
N PRO A 157 -7.27 12.02 1.88
CA PRO A 157 -7.48 10.90 2.83
C PRO A 157 -7.58 11.35 4.27
N LEU A 158 -6.82 12.40 4.68
CA LEU A 158 -6.94 12.89 6.06
C LEU A 158 -8.34 13.46 6.32
N SER A 159 -9.00 13.99 5.29
CA SER A 159 -10.36 14.52 5.46
C SER A 159 -11.42 13.47 5.49
N VAL A 160 -11.20 12.23 5.08
CA VAL A 160 -12.26 11.22 5.11
C VAL A 160 -11.90 10.02 5.99
N PHE A 161 -10.63 9.61 6.05
CA PHE A 161 -10.42 8.28 6.58
C PHE A 161 -10.44 8.26 8.12
N PRO A 162 -9.79 9.22 8.80
CA PRO A 162 -9.85 9.26 10.27
C PRO A 162 -11.28 9.39 10.76
N ASP A 163 -12.12 10.16 10.04
CA ASP A 163 -13.53 10.24 10.40
C ASP A 163 -14.26 8.93 10.16
N ALA A 164 -13.97 8.25 9.05
CA ALA A 164 -14.58 6.95 8.80
C ALA A 164 -14.18 5.91 9.84
N MET A 165 -12.93 5.96 10.34
CA MET A 165 -12.48 5.14 11.47
C MET A 165 -13.28 5.42 12.74
N GLY A 166 -13.79 6.64 12.86
CA GLY A 166 -14.33 7.11 14.13
C GLY A 166 -13.33 7.67 15.12
N LEU A 167 -12.19 8.18 14.66
CA LEU A 167 -11.19 8.77 15.55
C LEU A 167 -11.60 10.16 16.01
N LYS A 168 -11.26 10.49 17.27
CA LYS A 168 -11.35 11.87 17.72
C LYS A 168 -10.46 12.75 16.86
N GLN A 169 -10.65 14.06 17.02
CA GLN A 169 -9.81 15.03 16.31
C GLN A 169 -8.41 15.09 16.90
N GLU A 170 -8.31 15.18 18.23
CA GLU A 170 -6.99 15.38 18.82
C GLU A 170 -6.06 14.20 18.50
N GLY A 171 -4.82 14.52 18.11
CA GLY A 171 -3.76 13.55 17.93
C GLY A 171 -3.61 12.99 16.54
N ARG A 172 -4.44 13.41 15.58
CA ARG A 172 -4.38 12.83 14.25
C ARG A 172 -3.05 13.06 13.58
N GLU A 173 -2.30 14.09 14.01
CA GLU A 173 -0.98 14.32 13.45
C GLU A 173 -0.05 13.12 13.66
N HIS A 174 -0.42 12.17 14.55
CA HIS A 174 0.40 10.97 14.76
C HIS A 174 0.19 9.91 13.70
N LEU A 175 -0.87 10.06 12.86
CA LEU A 175 -1.28 8.93 12.02
C LEU A 175 -0.26 8.69 10.90
N LEU A 176 0.16 9.77 10.21
CA LEU A 176 1.08 9.56 9.10
C LEU A 176 2.46 9.14 9.65
N PRO A 177 2.97 9.76 10.73
CA PRO A 177 4.23 9.26 11.34
C PRO A 177 4.17 7.80 11.77
N TYR A 178 3.08 7.37 12.40
CA TYR A 178 2.95 5.95 12.74
C TYR A 178 3.02 5.07 11.50
N ALA A 179 2.26 5.41 10.46
CA ALA A 179 2.31 4.60 9.26
C ALA A 179 3.70 4.61 8.61
N GLY A 180 4.41 5.73 8.61
CA GLY A 180 5.75 5.72 8.00
C GLY A 180 6.66 4.76 8.75
N LEU A 181 6.49 4.73 10.07
CA LEU A 181 7.20 3.82 10.95
C LEU A 181 6.87 2.37 10.62
N VAL A 182 5.58 2.06 10.48
CA VAL A 182 5.20 0.67 10.20
C VAL A 182 5.88 0.19 8.93
N PHE A 183 5.76 0.97 7.87
CA PHE A 183 6.29 0.59 6.58
C PHE A 183 7.81 0.62 6.54
N ASN A 184 8.45 1.56 7.23
CA ASN A 184 9.90 1.43 7.38
C ASN A 184 10.32 0.19 8.18
N ALA A 185 9.53 -0.23 9.18
CA ALA A 185 9.92 -1.35 10.04
C ALA A 185 9.79 -2.69 9.32
N PHE A 186 9.05 -2.79 8.23
CA PHE A 186 9.18 -4.01 7.44
C PHE A 186 10.57 -4.13 6.79
N GLY A 187 11.35 -3.05 6.71
CA GLY A 187 12.58 -3.11 5.95
C GLY A 187 13.69 -3.72 6.79
N PRO A 188 14.87 -3.78 6.22
CA PRO A 188 16.05 -4.26 6.98
C PRO A 188 16.48 -3.22 7.98
N PRO A 189 17.39 -3.57 8.91
CA PRO A 189 17.80 -2.59 9.92
C PRO A 189 18.76 -1.53 9.42
N ASN A 190 18.34 -0.76 8.41
CA ASN A 190 19.10 0.37 7.91
C ASN A 190 18.72 1.63 8.71
N GLU A 191 19.30 2.76 8.34
CA GLU A 191 19.03 4.00 9.07
C GLU A 191 17.56 4.44 8.94
N LEU A 192 16.92 4.28 7.77
CA LEU A 192 15.48 4.57 7.73
C LEU A 192 14.76 3.82 8.82
N ARG A 193 15.06 2.53 8.99
CA ARG A 193 14.30 1.77 9.99
C ARG A 193 14.69 2.18 11.38
N GLN A 194 15.99 2.31 11.63
CA GLN A 194 16.42 2.55 12.99
C GLN A 194 15.97 3.91 13.48
N THR A 195 16.04 4.95 12.63
CA THR A 195 15.55 6.26 13.08
C THR A 195 14.04 6.23 13.29
N ALA A 196 13.28 5.54 12.44
CA ALA A 196 11.83 5.51 12.67
C ALA A 196 11.53 4.92 14.03
N ILE A 197 12.15 3.79 14.35
CA ILE A 197 11.86 3.15 15.62
C ILE A 197 12.30 4.03 16.79
N GLU A 198 13.42 4.74 16.64
CA GLU A 198 13.89 5.62 17.71
C GLU A 198 12.83 6.64 18.14
N ARG A 199 12.06 7.14 17.18
CA ARG A 199 11.07 8.20 17.35
C ARG A 199 9.68 7.68 17.65
N SER A 200 9.52 6.36 17.75
CA SER A 200 8.22 5.76 17.62
C SER A 200 7.33 5.88 18.85
N ALA A 201 7.90 6.04 20.04
CA ALA A 201 7.10 5.86 21.27
C ALA A 201 5.82 6.70 21.30
N PRO A 202 5.85 8.00 21.02
CA PRO A 202 4.60 8.78 21.10
C PRO A 202 3.57 8.36 20.09
N HIS A 203 3.97 7.85 18.92
CA HIS A 203 2.99 7.51 17.88
C HIS A 203 2.34 6.18 18.21
N GLN A 204 3.15 5.23 18.71
CA GLN A 204 2.60 3.97 19.19
C GLN A 204 1.61 4.20 20.32
N ALA A 205 1.96 5.08 21.27
CA ALA A 205 1.09 5.28 22.43
C ALA A 205 -0.23 5.91 21.99
N TYR A 206 -0.18 6.86 21.04
CA TYR A 206 -1.44 7.44 20.52
C TYR A 206 -2.27 6.37 19.81
N VAL A 207 -1.63 5.63 18.90
CA VAL A 207 -2.37 4.64 18.12
C VAL A 207 -2.98 3.60 19.03
N ASN A 208 -2.16 2.99 19.92
CA ASN A 208 -2.67 1.93 20.78
C ASN A 208 -3.84 2.41 21.62
N GLU A 209 -3.79 3.66 22.10
CA GLU A 209 -4.92 4.19 22.84
C GLU A 209 -6.20 4.28 22.02
N GLN A 210 -6.09 4.78 20.77
CA GLN A 210 -7.29 4.98 19.98
C GLN A 210 -7.92 3.66 19.59
N CYS A 211 -7.20 2.56 19.78
CA CYS A 211 -7.73 1.26 19.40
C CYS A 211 -8.73 0.72 20.41
N GLN A 212 -8.83 1.32 21.58
CA GLN A 212 -9.76 0.83 22.60
C GLN A 212 -11.17 1.28 22.32
N ARG A 213 -12.12 0.37 22.58
CA ARG A 213 -13.51 0.59 22.19
C ARG A 213 -14.08 1.93 22.63
N PRO A 214 -13.80 2.46 23.83
CA PRO A 214 -14.42 3.74 24.21
C PRO A 214 -13.96 4.92 23.36
N ASN A 215 -12.84 4.79 22.65
CA ASN A 215 -12.29 5.90 21.91
C ASN A 215 -12.71 5.92 20.45
N LEU A 216 -13.57 5.01 20.02
CA LEU A 216 -13.96 4.90 18.63
C LEU A 216 -15.44 5.25 18.46
N ALA A 217 -15.72 6.27 17.65
CA ALA A 217 -17.06 6.83 17.56
C ALA A 217 -18.06 5.84 16.94
N PRO A 218 -19.31 5.84 17.40
CA PRO A 218 -20.29 4.89 16.88
C PRO A 218 -20.42 4.97 15.36
N GLY A 219 -20.65 3.81 14.75
CA GLY A 219 -20.83 3.73 13.32
C GLY A 219 -19.57 3.69 12.48
N GLY A 220 -18.39 3.91 13.07
CA GLY A 220 -17.16 3.95 12.29
C GLY A 220 -16.54 2.56 12.18
N PHE A 221 -15.44 2.49 11.41
CA PHE A 221 -14.87 1.19 11.17
C PHE A 221 -14.37 0.60 12.48
N GLY A 222 -13.80 1.44 13.33
CA GLY A 222 -13.24 0.92 14.58
C GLY A 222 -14.34 0.34 15.47
N ALA A 223 -15.44 1.04 15.60
CA ALA A 223 -16.51 0.52 16.45
C ALA A 223 -17.11 -0.72 15.81
N CYS A 224 -17.12 -0.78 14.47
CA CYS A 224 -17.64 -1.95 13.79
CA CYS A 224 -17.65 -1.96 13.81
C CYS A 224 -16.79 -3.18 14.09
N ILE A 225 -15.47 -3.03 14.16
CA ILE A 225 -14.62 -4.15 14.57
C ILE A 225 -14.98 -4.61 15.98
N HIS A 226 -15.03 -3.68 16.92
CA HIS A 226 -15.43 -4.08 18.29
C HIS A 226 -16.81 -4.74 18.31
N ALA A 227 -17.70 -4.36 17.39
CA ALA A 227 -19.07 -4.88 17.43
C ALA A 227 -19.12 -6.31 16.95
N PHE A 228 -18.07 -6.74 16.29
CA PHE A 228 -17.94 -8.09 15.79
C PHE A 228 -17.32 -9.03 16.82
N THR A 229 -17.12 -8.59 18.05
CA THR A 229 -16.43 -9.43 19.03
C THR A 229 -17.37 -10.37 19.77
N ASP A 230 -18.60 -10.53 19.30
CA ASP A 230 -19.50 -11.42 20.03
C ASP A 230 -20.04 -12.53 19.13
N THR A 231 -19.48 -12.68 17.90
CA THR A 231 -19.98 -13.69 16.98
C THR A 231 -19.25 -15.00 17.05
N GLY A 232 -18.18 -15.09 17.86
CA GLY A 232 -17.33 -16.26 17.81
C GLY A 232 -16.23 -16.16 16.77
N GLU A 233 -16.15 -15.06 16.03
CA GLU A 233 -15.04 -14.94 15.09
C GLU A 233 -13.78 -14.35 15.73
N ILE A 234 -13.91 -13.22 16.44
CA ILE A 234 -12.84 -12.65 17.28
C ILE A 234 -13.38 -12.48 18.70
N THR A 235 -12.46 -12.44 19.66
CA THR A 235 -12.83 -12.09 21.02
C THR A 235 -12.56 -10.62 21.25
N PRO A 236 -13.08 -10.06 22.33
CA PRO A 236 -12.85 -8.61 22.60
C PRO A 236 -11.38 -8.21 22.65
N ASP A 237 -10.52 -9.07 23.20
CA ASP A 237 -9.11 -8.72 23.31
C ASP A 237 -8.38 -8.76 21.96
N GLU A 238 -9.00 -9.25 20.90
CA GLU A 238 -8.43 -9.15 19.55
C GLU A 238 -8.79 -7.86 18.85
N ALA A 239 -9.85 -7.13 19.30
CA ALA A 239 -10.33 -6.06 18.46
C ALA A 239 -9.37 -4.86 18.47
N PRO A 240 -8.70 -4.53 19.57
CA PRO A 240 -7.74 -3.41 19.47
C PRO A 240 -6.68 -3.66 18.39
N LEU A 241 -6.09 -4.87 18.32
CA LEU A 241 -5.05 -5.05 17.30
C LEU A 241 -5.62 -5.02 15.90
N LEU A 242 -6.91 -5.38 15.68
CA LEU A 242 -7.46 -5.28 14.32
C LEU A 242 -7.75 -3.83 13.95
N VAL A 243 -8.17 -3.02 14.92
CA VAL A 243 -8.21 -1.58 14.70
C VAL A 243 -6.82 -1.07 14.36
N ARG A 244 -5.79 -1.55 15.07
CA ARG A 244 -4.43 -1.12 14.79
C ARG A 244 -4.04 -1.41 13.34
N SER A 245 -4.51 -2.54 12.81
CA SER A 245 -4.21 -2.85 11.44
C SER A 245 -4.78 -1.79 10.50
N LEU A 246 -6.00 -1.27 10.77
CA LEU A 246 -6.59 -0.29 9.88
C LEU A 246 -5.90 1.04 10.06
N LEU A 247 -5.43 1.34 11.28
CA LEU A 247 -4.69 2.59 11.50
C LEU A 247 -3.24 2.49 11.01
N SER A 248 -2.77 1.30 10.65
CA SER A 248 -1.42 1.15 10.12
C SER A 248 -1.46 1.22 8.61
N ALA A 249 -2.37 0.45 8.00
CA ALA A 249 -2.48 0.26 6.56
C ALA A 249 -3.44 1.21 5.88
N GLY A 250 -4.37 1.85 6.58
CA GLY A 250 -5.47 2.46 5.84
C GLY A 250 -5.33 3.89 5.34
N LEU A 251 -4.35 4.64 5.84
CA LEU A 251 -4.14 6.02 5.45
C LEU A 251 -2.95 6.18 4.52
N ASP A 252 -1.75 5.78 4.93
CA ASP A 252 -0.55 6.10 4.14
C ASP A 252 -0.55 5.41 2.77
N THR A 253 -1.14 4.20 2.68
CA THR A 253 -1.22 3.52 1.40
C THR A 253 -2.05 4.35 0.40
N THR A 254 -3.20 4.84 0.84
CA THR A 254 -4.04 5.63 -0.07
C THR A 254 -3.40 6.96 -0.42
N VAL A 255 -2.68 7.59 0.51
CA VAL A 255 -1.88 8.77 0.19
C VAL A 255 -0.97 8.48 -0.98
N ASN A 256 -0.22 7.39 -0.90
CA ASN A 256 0.67 7.09 -2.03
C ASN A 256 -0.06 6.53 -3.26
N GLY A 257 -1.23 5.93 -3.10
CA GLY A 257 -1.98 5.54 -4.29
C GLY A 257 -2.54 6.73 -5.02
N ILE A 258 -3.15 7.65 -4.28
CA ILE A 258 -3.70 8.83 -4.96
C ILE A 258 -2.56 9.71 -5.48
N GLY A 259 -1.47 9.81 -4.72
CA GLY A 259 -0.31 10.53 -5.23
C GLY A 259 0.25 9.91 -6.49
N ALA A 260 0.28 8.58 -6.56
CA ALA A 260 0.70 7.92 -7.79
C ALA A 260 -0.19 8.32 -8.96
N ALA A 261 -1.52 8.24 -8.77
CA ALA A 261 -2.44 8.57 -9.87
C ALA A 261 -2.26 10.00 -10.33
N VAL A 262 -2.14 10.93 -9.40
CA VAL A 262 -1.98 12.31 -9.80
C VAL A 262 -0.67 12.51 -10.53
N TYR A 263 0.41 11.87 -10.03
CA TYR A 263 1.70 11.95 -10.72
C TYR A 263 1.58 11.38 -12.14
N CYS A 264 0.92 10.23 -12.28
CA CYS A 264 0.73 9.65 -13.62
C CYS A 264 -0.01 10.61 -14.52
N LEU A 265 -1.09 11.24 -14.02
CA LEU A 265 -1.87 12.14 -14.89
C LEU A 265 -1.06 13.38 -15.26
N ALA A 266 -0.20 13.85 -14.36
CA ALA A 266 0.69 14.98 -14.63
C ALA A 266 1.77 14.61 -15.63
N ARG A 267 2.26 13.37 -15.61
CA ARG A 267 3.27 13.00 -16.60
C ARG A 267 2.69 12.59 -17.94
N PHE A 268 1.46 12.09 -17.99
CA PHE A 268 0.88 11.50 -19.18
C PHE A 268 -0.37 12.32 -19.51
N PRO A 269 -0.21 13.53 -20.06
CA PRO A 269 -1.38 14.39 -20.35
C PRO A 269 -2.40 13.76 -21.28
N GLY A 270 -1.94 12.90 -22.19
CA GLY A 270 -2.86 12.22 -23.08
C GLY A 270 -3.89 11.43 -22.30
N GLU A 271 -3.47 10.82 -21.23
CA GLU A 271 -4.34 10.02 -20.38
C GLU A 271 -5.23 10.87 -19.49
N LEU A 272 -4.79 12.05 -19.02
CA LEU A 272 -5.75 12.94 -18.39
C LEU A 272 -6.84 13.32 -19.40
N GLN A 273 -6.45 13.53 -20.64
CA GLN A 273 -7.45 13.90 -21.63
CA GLN A 273 -7.44 13.91 -21.62
C GLN A 273 -8.43 12.77 -21.89
N ARG A 274 -7.96 11.55 -21.95
CA ARG A 274 -8.92 10.46 -22.12
C ARG A 274 -9.82 10.36 -20.88
N LEU A 275 -9.25 10.55 -19.69
CA LEU A 275 -10.06 10.46 -18.47
C LEU A 275 -11.13 11.58 -18.43
N ARG A 276 -10.74 12.81 -18.82
CA ARG A 276 -11.72 13.90 -18.92
C ARG A 276 -12.88 13.53 -19.85
N SER A 277 -12.57 12.86 -20.96
CA SER A 277 -13.60 12.59 -21.94
C SER A 277 -14.54 11.47 -21.51
N ASP A 278 -14.13 10.65 -20.54
CA ASP A 278 -15.00 9.60 -19.99
C ASP A 278 -14.65 9.42 -18.54
N PRO A 279 -15.28 10.20 -17.64
CA PRO A 279 -15.00 10.04 -16.20
C PRO A 279 -15.34 8.69 -15.68
N THR A 280 -16.08 7.86 -16.42
CA THR A 280 -16.30 6.56 -15.81
C THR A 280 -15.06 5.69 -15.89
N LEU A 281 -14.00 6.17 -16.54
CA LEU A 281 -12.69 5.51 -16.49
C LEU A 281 -11.95 5.77 -15.19
N ALA A 282 -12.54 6.56 -14.26
CA ALA A 282 -11.81 6.96 -13.05
C ALA A 282 -11.33 5.75 -12.24
N ARG A 283 -12.18 4.74 -12.08
CA ARG A 283 -11.79 3.61 -11.22
C ARG A 283 -10.64 2.81 -11.87
N ASN A 284 -10.68 2.60 -13.17
CA ASN A 284 -9.59 1.88 -13.84
C ASN A 284 -8.35 2.75 -13.94
N ALA A 285 -8.52 4.06 -14.02
CA ALA A 285 -7.34 4.93 -14.03
C ALA A 285 -6.59 4.79 -12.72
N PHE A 286 -7.34 4.66 -11.61
CA PHE A 286 -6.69 4.47 -10.31
C PHE A 286 -6.05 3.10 -10.20
N GLU A 287 -6.75 2.05 -10.62
CA GLU A 287 -6.16 0.71 -10.61
C GLU A 287 -4.85 0.69 -11.37
N GLU A 288 -4.81 1.32 -12.54
CA GLU A 288 -3.61 1.33 -13.35
C GLU A 288 -2.51 2.11 -12.65
N ALA A 289 -2.86 3.17 -11.95
CA ALA A 289 -1.82 3.87 -11.19
C ALA A 289 -1.27 2.99 -10.04
N VAL A 290 -2.12 2.15 -9.44
CA VAL A 290 -1.61 1.21 -8.44
C VAL A 290 -0.65 0.21 -9.09
N ARG A 291 -0.98 -0.31 -10.28
CA ARG A 291 -0.04 -1.20 -10.97
C ARG A 291 1.24 -0.46 -11.32
N PHE A 292 1.09 0.73 -11.95
CA PHE A 292 2.22 1.42 -12.56
C PHE A 292 3.23 1.87 -11.50
N GLU A 293 2.75 2.41 -10.38
CA GLU A 293 3.64 2.87 -9.35
C GLU A 293 3.84 1.86 -8.23
N SER A 294 2.85 1.04 -7.92
CA SER A 294 2.95 0.03 -6.88
C SER A 294 3.39 0.71 -5.59
N PRO A 295 2.49 1.50 -5.00
CA PRO A 295 2.77 2.19 -3.73
C PRO A 295 3.34 1.27 -2.68
N VAL A 296 2.84 0.04 -2.58
CA VAL A 296 3.43 -0.94 -1.68
C VAL A 296 4.36 -1.78 -2.55
N GLN A 297 5.66 -1.59 -2.37
CA GLN A 297 6.67 -2.11 -3.31
C GLN A 297 6.99 -3.58 -3.09
N THR A 298 7.04 -4.01 -1.83
CA THR A 298 7.71 -5.26 -1.45
C THR A 298 7.02 -5.81 -0.22
N PHE A 299 6.94 -7.13 -0.14
CA PHE A 299 6.71 -7.81 1.13
C PHE A 299 7.56 -9.07 1.15
N PHE A 300 7.82 -9.59 2.34
CA PHE A 300 8.53 -10.85 2.47
C PHE A 300 7.58 -11.99 2.88
N ARG A 301 8.05 -13.22 2.61
CA ARG A 301 7.54 -14.46 3.15
C ARG A 301 8.71 -15.23 3.81
N THR A 302 8.40 -16.21 4.66
CA THR A 302 9.43 -17.12 5.18
C THR A 302 9.08 -18.55 4.79
N THR A 303 10.04 -19.30 4.25
CA THR A 303 9.74 -20.68 3.86
C THR A 303 9.56 -21.58 5.09
N THR A 304 8.56 -22.48 5.01
CA THR A 304 8.30 -23.40 6.10
C THR A 304 8.86 -24.80 5.84
N ARG A 305 9.49 -24.99 4.69
CA ARG A 305 10.11 -26.24 4.27
C ARG A 305 11.03 -25.91 3.10
N GLU A 306 11.90 -26.85 2.78
CA GLU A 306 12.66 -26.77 1.54
C GLU A 306 11.70 -26.83 0.39
N VAL A 307 11.90 -25.99 -0.63
CA VAL A 307 10.94 -25.80 -1.72
C VAL A 307 11.69 -25.51 -3.02
N GLU A 308 11.22 -26.10 -4.09
CA GLU A 308 11.75 -25.79 -5.42
C GLU A 308 10.88 -24.69 -5.99
N LEU A 309 11.51 -23.54 -6.26
CA LEU A 309 10.85 -22.41 -6.92
C LEU A 309 11.71 -22.00 -8.12
N GLY A 310 11.14 -22.10 -9.33
CA GLY A 310 11.87 -21.82 -10.57
C GLY A 310 13.24 -22.48 -10.62
N GLY A 311 13.28 -23.79 -10.40
CA GLY A 311 14.54 -24.53 -10.47
C GLY A 311 15.47 -24.36 -9.29
N ALA A 312 15.34 -23.25 -8.56
CA ALA A 312 16.20 -23.03 -7.40
C ALA A 312 15.56 -23.69 -6.19
N VAL A 313 16.39 -24.29 -5.35
CA VAL A 313 15.94 -24.95 -4.15
C VAL A 313 16.22 -23.99 -3.02
N ILE A 314 15.16 -23.60 -2.31
CA ILE A 314 15.28 -22.69 -1.18
C ILE A 314 15.09 -23.53 0.08
N GLY A 315 16.00 -23.40 1.06
CA GLY A 315 15.91 -24.16 2.30
C GLY A 315 14.78 -23.66 3.18
N GLU A 316 14.47 -24.44 4.24
CA GLU A 316 13.48 -24.06 5.24
C GLU A 316 13.96 -22.83 6.01
N GLY A 317 13.00 -22.02 6.45
CA GLY A 317 13.31 -20.90 7.29
C GLY A 317 14.06 -19.78 6.64
N GLU A 318 13.87 -19.57 5.32
CA GLU A 318 14.57 -18.57 4.53
C GLU A 318 13.61 -17.44 4.19
N LYS A 319 14.09 -16.20 4.27
CA LYS A 319 13.25 -15.09 3.84
C LYS A 319 13.27 -14.95 2.33
N VAL A 320 12.09 -14.65 1.76
CA VAL A 320 11.90 -14.47 0.33
C VAL A 320 11.27 -13.11 0.14
N LEU A 321 11.95 -12.27 -0.63
CA LEU A 321 11.52 -10.91 -0.87
C LEU A 321 10.77 -10.90 -2.20
N MET A 322 9.52 -10.50 -2.16
CA MET A 322 8.68 -10.37 -3.35
C MET A 322 8.70 -8.92 -3.81
N PHE A 323 9.09 -8.71 -5.09
CA PHE A 323 9.09 -7.38 -5.65
C PHE A 323 7.78 -7.18 -6.39
N LEU A 324 6.75 -6.71 -5.65
CA LEU A 324 5.45 -6.46 -6.26
C LEU A 324 5.52 -5.48 -7.42
N GLY A 325 6.20 -4.34 -7.22
CA GLY A 325 6.29 -3.36 -8.29
C GLY A 325 6.97 -3.88 -9.54
N SER A 326 8.02 -4.72 -9.35
CA SER A 326 8.69 -5.34 -10.49
C SER A 326 7.79 -6.37 -11.20
N ALA A 327 7.04 -7.14 -10.42
CA ALA A 327 6.08 -8.08 -11.02
C ALA A 327 5.05 -7.31 -11.85
N ASN A 328 4.69 -6.11 -11.44
CA ASN A 328 3.71 -5.29 -12.10
C ASN A 328 4.27 -4.58 -13.31
N ARG A 329 5.58 -4.72 -13.55
CA ARG A 329 6.26 -4.11 -14.72
C ARG A 329 7.06 -5.20 -15.46
N ASP A 330 6.68 -6.47 -15.31
CA ASP A 330 7.38 -7.58 -15.96
C ASP A 330 6.86 -7.73 -17.40
N PRO A 331 7.70 -7.53 -18.43
CA PRO A 331 7.20 -7.64 -19.80
C PRO A 331 6.85 -9.08 -20.17
N ARG A 332 7.24 -10.05 -19.32
CA ARG A 332 6.76 -11.40 -19.56
C ARG A 332 5.26 -11.53 -19.29
N ARG A 333 4.69 -10.59 -18.54
CA ARG A 333 3.26 -10.59 -18.22
C ARG A 333 2.51 -9.45 -18.88
N TRP A 334 3.13 -8.27 -19.00
CA TRP A 334 2.42 -7.06 -19.38
C TRP A 334 2.94 -6.56 -20.72
N SER A 335 2.02 -6.15 -21.58
N SER A 335 2.02 -6.15 -21.59
CA SER A 335 2.40 -5.40 -22.77
CA SER A 335 2.40 -5.40 -22.78
C SER A 335 2.71 -3.95 -22.40
C SER A 335 2.72 -3.95 -22.40
N ASP A 336 3.86 -3.45 -22.87
CA ASP A 336 4.26 -2.06 -22.65
C ASP A 336 4.10 -1.73 -21.16
N PRO A 337 4.82 -2.44 -20.30
CA PRO A 337 4.59 -2.33 -18.84
C PRO A 337 4.93 -0.94 -18.34
N ASP A 338 5.82 -0.22 -19.03
N ASP A 338 5.79 -0.23 -19.06
CA ASP A 338 6.25 1.11 -18.58
CA ASP A 338 6.26 1.10 -18.65
C ASP A 338 5.33 2.22 -19.10
C ASP A 338 5.35 2.22 -19.14
N LEU A 339 4.19 1.89 -19.70
CA LEU A 339 3.22 2.90 -20.11
C LEU A 339 2.05 2.94 -19.14
N TYR A 340 1.64 4.15 -18.78
CA TYR A 340 0.42 4.36 -18.00
C TYR A 340 -0.77 4.35 -18.98
N ASP A 341 -1.63 3.33 -18.90
CA ASP A 341 -2.73 3.15 -19.84
C ASP A 341 -4.03 2.99 -19.07
N ILE A 342 -4.89 4.02 -19.06
CA ILE A 342 -6.07 3.93 -18.18
C ILE A 342 -7.16 3.00 -18.71
N THR A 343 -7.06 2.49 -19.93
CA THR A 343 -7.94 1.42 -20.40
C THR A 343 -7.27 0.07 -20.45
N ARG A 344 -6.08 -0.09 -19.83
CA ARG A 344 -5.46 -1.40 -19.69
C ARG A 344 -6.35 -2.36 -18.88
N LYS A 345 -6.36 -3.63 -19.30
CA LYS A 345 -6.95 -4.67 -18.46
C LYS A 345 -5.93 -4.98 -17.36
N THR A 346 -6.19 -4.48 -16.16
CA THR A 346 -5.22 -4.59 -15.08
C THR A 346 -5.44 -5.82 -14.24
N SER A 347 -6.48 -6.60 -14.51
CA SER A 347 -6.82 -7.73 -13.66
C SER A 347 -5.60 -8.63 -13.53
N GLY A 348 -5.26 -9.01 -12.30
CA GLY A 348 -4.06 -9.81 -12.12
C GLY A 348 -2.86 -9.05 -11.60
N HIS A 349 -2.88 -7.72 -11.62
CA HIS A 349 -1.73 -7.05 -11.01
C HIS A 349 -1.64 -7.44 -9.53
N VAL A 350 -0.46 -7.25 -8.97
CA VAL A 350 -0.23 -7.65 -7.57
C VAL A 350 0.00 -6.46 -6.66
N GLY A 351 -0.45 -5.28 -7.03
CA GLY A 351 -0.26 -4.09 -6.23
C GLY A 351 -1.04 -4.14 -4.93
N PHE A 352 -2.08 -4.98 -4.89
CA PHE A 352 -2.84 -5.25 -3.66
C PHE A 352 -2.53 -6.63 -3.10
N GLY A 353 -1.48 -7.30 -3.58
CA GLY A 353 -1.26 -8.68 -3.22
C GLY A 353 -2.09 -9.61 -4.07
N SER A 354 -2.20 -10.85 -3.60
CA SER A 354 -2.89 -11.94 -4.29
C SER A 354 -3.09 -13.08 -3.32
N GLY A 355 -4.27 -13.69 -3.36
CA GLY A 355 -4.53 -14.85 -2.54
C GLY A 355 -5.12 -14.50 -1.21
N VAL A 356 -4.79 -15.27 -0.18
CA VAL A 356 -5.57 -15.18 1.07
C VAL A 356 -5.34 -13.88 1.81
N HIS A 357 -4.21 -13.22 1.62
CA HIS A 357 -3.94 -11.92 2.26
C HIS A 357 -4.19 -10.73 1.32
N MET A 358 -4.80 -10.95 0.16
CA MET A 358 -5.02 -9.85 -0.78
C MET A 358 -5.80 -8.73 -0.11
N CYS A 359 -5.35 -7.51 -0.30
CA CYS A 359 -5.70 -6.35 0.49
C CYS A 359 -7.17 -6.38 0.91
N VAL A 360 -7.44 -6.46 2.20
CA VAL A 360 -8.84 -6.52 2.62
C VAL A 360 -9.47 -5.15 2.59
N GLY A 361 -8.67 -4.08 2.59
CA GLY A 361 -9.14 -2.72 2.43
C GLY A 361 -9.24 -2.21 0.99
N GLN A 362 -9.20 -3.08 -0.01
CA GLN A 362 -9.09 -2.61 -1.39
C GLN A 362 -10.32 -1.84 -1.79
N LEU A 363 -11.49 -2.11 -1.18
CA LEU A 363 -12.68 -1.37 -1.58
C LEU A 363 -12.63 0.07 -1.06
N VAL A 364 -12.03 0.30 0.10
CA VAL A 364 -11.81 1.66 0.59
C VAL A 364 -10.81 2.39 -0.29
N ALA A 365 -9.66 1.75 -0.56
CA ALA A 365 -8.65 2.30 -1.48
C ALA A 365 -9.27 2.71 -2.81
N ARG A 366 -9.93 1.77 -3.48
CA ARG A 366 -10.51 2.05 -4.79
C ARG A 366 -11.60 3.11 -4.71
N LEU A 367 -12.40 3.14 -3.64
CA LEU A 367 -13.46 4.15 -3.56
C LEU A 367 -12.85 5.55 -3.49
N GLU A 368 -11.86 5.72 -2.64
CA GLU A 368 -11.14 7.00 -2.51
C GLU A 368 -10.53 7.39 -3.84
N GLY A 369 -9.79 6.47 -4.47
CA GLY A 369 -9.08 6.78 -5.71
C GLY A 369 -10.08 7.13 -6.79
N GLU A 370 -11.15 6.31 -6.92
CA GLU A 370 -12.18 6.59 -7.93
C GLU A 370 -12.78 7.98 -7.77
N VAL A 371 -13.26 8.32 -6.56
CA VAL A 371 -14.01 9.57 -6.41
C VAL A 371 -13.06 10.75 -6.53
N MET A 372 -11.79 10.58 -6.22
CA MET A 372 -10.89 11.71 -6.46
C MET A 372 -10.59 11.87 -7.95
N LEU A 373 -10.32 10.75 -8.66
CA LEU A 373 -10.03 10.89 -10.08
C LEU A 373 -11.29 11.36 -10.83
N SER A 374 -12.47 11.07 -10.30
CA SER A 374 -13.71 11.51 -10.96
C SER A 374 -13.82 13.03 -10.84
N ALA A 375 -13.54 13.52 -9.64
CA ALA A 375 -13.49 14.95 -9.39
C ALA A 375 -12.50 15.65 -10.33
N LEU A 376 -11.26 15.14 -10.41
CA LEU A 376 -10.29 15.71 -11.33
C LEU A 376 -10.82 15.65 -12.76
N ALA A 377 -11.38 14.50 -13.18
CA ALA A 377 -11.84 14.35 -14.57
C ALA A 377 -12.90 15.38 -14.89
N ARG A 378 -13.79 15.67 -13.96
CA ARG A 378 -14.88 16.60 -14.27
C ARG A 378 -14.49 18.07 -14.12
N LYS A 379 -13.47 18.38 -13.34
CA LYS A 379 -13.21 19.78 -12.95
C LYS A 379 -11.91 20.34 -13.44
N VAL A 380 -10.96 19.51 -13.88
CA VAL A 380 -9.62 19.96 -14.17
C VAL A 380 -9.32 19.77 -15.66
N ALA A 381 -8.79 20.79 -16.27
CA ALA A 381 -8.40 20.68 -17.67
C ALA A 381 -6.95 20.31 -17.87
N ALA A 382 -6.04 20.72 -17.00
CA ALA A 382 -4.65 20.34 -17.16
C ALA A 382 -4.00 20.29 -15.78
N ILE A 383 -2.97 19.43 -15.64
CA ILE A 383 -2.12 19.29 -14.44
C ILE A 383 -0.68 19.41 -14.91
N ASP A 384 -0.03 20.52 -14.61
CA ASP A 384 1.31 20.79 -15.09
C ASP A 384 2.25 20.86 -13.89
N ILE A 385 3.31 20.07 -13.91
CA ILE A 385 4.32 20.19 -12.86
C ILE A 385 4.96 21.56 -12.97
N ASP A 386 5.10 22.26 -11.85
CA ASP A 386 5.61 23.63 -11.93
C ASP A 386 6.58 23.92 -10.82
N GLY A 387 7.34 22.91 -10.40
CA GLY A 387 8.26 23.03 -9.29
C GLY A 387 9.10 21.78 -9.19
N PRO A 388 10.15 21.82 -8.37
CA PRO A 388 10.98 20.63 -8.16
C PRO A 388 10.16 19.50 -7.52
N VAL A 389 10.24 18.31 -8.12
CA VAL A 389 9.61 17.12 -7.57
C VAL A 389 10.57 16.48 -6.56
N LYS A 390 10.09 16.17 -5.35
CA LYS A 390 10.94 15.59 -4.31
C LYS A 390 10.37 14.23 -3.93
N ARG A 391 11.23 13.21 -3.95
CA ARG A 391 10.80 11.82 -3.66
C ARG A 391 10.94 11.50 -2.17
N ARG A 392 9.96 10.79 -1.63
CA ARG A 392 9.95 10.35 -0.22
C ARG A 392 10.53 8.96 -0.16
N PHE A 393 11.46 8.71 0.79
CA PHE A 393 12.11 7.42 0.87
C PHE A 393 11.58 6.64 2.08
N ASN A 394 11.17 5.40 1.85
CA ASN A 394 10.57 4.53 2.84
C ASN A 394 10.90 3.12 2.39
N ASN A 395 11.22 2.25 3.32
CA ASN A 395 11.64 0.91 2.97
C ASN A 395 10.59 0.11 2.26
N THR A 396 9.29 0.48 2.39
CA THR A 396 8.26 -0.31 1.75
C THR A 396 7.39 0.49 0.78
N LEU A 397 7.18 1.80 1.02
CA LEU A 397 6.25 2.62 0.21
C LEU A 397 7.02 3.42 -0.82
N ARG A 398 6.50 3.45 -2.05
CA ARG A 398 7.06 4.29 -3.11
C ARG A 398 6.12 5.48 -3.31
N GLY A 399 6.67 6.69 -3.28
CA GLY A 399 5.82 7.83 -3.42
C GLY A 399 6.62 9.10 -3.28
N LEU A 400 5.94 10.20 -3.44
CA LEU A 400 6.59 11.50 -3.43
C LEU A 400 6.39 12.24 -2.12
N GLU A 401 7.42 13.04 -1.78
CA GLU A 401 7.37 14.04 -0.72
C GLU A 401 6.64 15.30 -1.16
N SER A 402 6.91 15.78 -2.37
CA SER A 402 6.35 17.04 -2.81
C SER A 402 6.15 16.99 -4.32
N LEU A 403 5.00 17.47 -4.80
CA LEU A 403 4.65 17.40 -6.22
C LEU A 403 3.99 18.71 -6.63
N PRO A 404 4.77 19.75 -6.90
CA PRO A 404 4.18 21.06 -7.17
C PRO A 404 3.54 21.06 -8.55
N VAL A 405 2.23 21.34 -8.60
CA VAL A 405 1.50 21.37 -9.86
C VAL A 405 0.67 22.64 -9.94
N LYS A 406 0.42 23.06 -11.17
CA LYS A 406 -0.62 24.03 -11.50
C LYS A 406 -1.83 23.28 -12.02
N LEU A 407 -2.99 23.54 -11.42
CA LEU A 407 -4.26 22.96 -11.87
C LEU A 407 -4.99 24.01 -12.69
N THR A 408 -5.25 23.70 -13.97
CA THR A 408 -6.12 24.56 -14.80
C THR A 408 -7.56 24.08 -14.77
N PRO A 409 -8.52 24.96 -14.46
CA PRO A 409 -9.93 24.54 -14.39
C PRO A 409 -10.50 24.27 -15.76
N ALA A 410 -11.38 23.27 -15.81
CA ALA A 410 -12.04 22.84 -17.03
C ALA A 410 -13.04 23.90 -17.44
C02 KZ6 B . 0.21 -2.76 6.53
C03 KZ6 B . -0.53 -3.40 5.52
C04 KZ6 B . -1.49 -4.36 5.89
C05 KZ6 B . -1.70 -4.69 7.24
C06 KZ6 B . -0.96 -4.05 8.23
C01 KZ6 B . 0.01 -3.08 7.89
C07 KZ6 B . -1.26 -4.44 9.65
I10 KZ6 B . -0.29 -2.97 3.53
O08 KZ6 B . -0.77 -3.68 10.54
O09 KZ6 B . -1.97 -5.48 9.89
H021 KZ6 B . 0.84 -2.11 6.30
H041 KZ6 B . -1.98 -4.79 5.23
H051 KZ6 B . -2.33 -5.32 7.47
H011 KZ6 B . 0.50 -2.65 8.55
CHA HEM C . -3.07 -6.24 2.71
CHB HEM C . -1.56 -2.87 -0.49
CHC HEM C . -5.03 0.10 1.06
CHD HEM C . -5.73 -2.72 4.90
C1A HEM C . -2.41 -5.67 1.63
C2A HEM C . -1.40 -6.26 0.79
C3A HEM C . -0.98 -5.33 -0.06
C4A HEM C . -1.71 -4.09 0.21
CMA HEM C . 0.09 -5.45 -1.22
CAA HEM C . -0.96 -7.74 0.87
CBA HEM C . -0.07 -8.00 2.10
CGA HEM C . 0.58 -9.34 1.98
O1A HEM C . 1.36 -9.70 2.91
O2A HEM C . 0.30 -10.11 1.06
C1B HEM C . -2.36 -1.79 -0.41
C2B HEM C . -2.43 -0.65 -1.29
C3B HEM C . -3.41 0.18 -0.85
C4B HEM C . -3.98 -0.43 0.36
CMB HEM C . -1.50 -0.52 -2.52
CAB HEM C . -3.91 1.52 -1.43
CBB HEM C . -3.65 1.87 -2.71
C1C HEM C . -5.59 -0.39 2.20
C2C HEM C . -6.62 0.24 3.02
C3C HEM C . -6.80 -0.54 4.12
C4C HEM C . -5.92 -1.68 3.99
CMC HEM C . -7.29 1.54 2.66
CAC HEM C . -7.76 -0.42 5.30
CBC HEM C . -8.77 0.45 5.32
C1D HEM C . -5.05 -3.91 4.63
C2D HEM C . -4.96 -5.05 5.53
C3D HEM C . -4.26 -6.01 4.91
C4D HEM C . -3.85 -5.51 3.56
CMD HEM C . -5.65 -5.07 6.93
CAD HEM C . -3.96 -7.41 5.48
CBD HEM C . -4.92 -8.42 4.85
CGD HEM C . -4.54 -9.83 5.21
O1D HEM C . -5.38 -10.76 4.98
O2D HEM C . -3.40 -10.06 5.69
NA HEM C . -2.57 -4.35 1.29
NB HEM C . -3.31 -1.60 0.60
NC HEM C . -5.18 -1.55 2.84
ND HEM C . -4.31 -4.20 3.51
FE HEM C . -4.05 -3.02 1.88
CL CL D . 2.02 -0.08 17.90
#